data_5H1Z
#
_entry.id   5H1Z
#
_cell.length_a   110.837
_cell.length_b   110.837
_cell.length_c   113.180
_cell.angle_alpha   90.00
_cell.angle_beta   90.00
_cell.angle_gamma   120.00
#
_symmetry.space_group_name_H-M   'P 31 2 1'
#
loop_
_entity.id
_entity.type
_entity.pdbx_description
1 polymer 'putative CYP alkane hydroxylase CYP153D17'
2 non-polymer 'PROTOPORPHYRIN IX CONTAINING FE'
3 non-polymer DODECANE
4 water water
#
_entity_poly.entity_id   1
_entity_poly.type   'polypeptide(L)'
_entity_poly.pdbx_seq_one_letter_code
;ATLAQDVIDRFDVSRPELYRDDLWQAPFRELRATAPVHRVEHSDFGPYWSVSSYKPIITVESLPDLYSSAGGITLADFIE
NNPTDVRMPMFIAMDRPKHTGQRRTVAPAFTPSEMVRMSDNIRMRTAEVLDSLEWNTPFDWVDTVSVELTTQMLAILFDF
PWEERRKLTFWSDWAGDIELVKNEELRLERLRHMYECGGYFQNLWNAKIGKPPTPDLISMMIHSDAMAEMDQMEFLGNLI
LLIVGGNDTTRNTMSAVAYGLDLFPDQRAKLEADPSMIPNTVQEIIRWQTPLAHMRRTATVDSELEGQQIKAGDKLALWY
ISANRDESVFENADRIIVDRPNARRHLAFGHGIHRCVGARLAELQIAVLLEEMAKRRMRVNVLGEPERVAACFVHGYRKL
PVEISRY
;
_entity_poly.pdbx_strand_id   A
#
loop_
_chem_comp.id
_chem_comp.type
_chem_comp.name
_chem_comp.formula
D12 non-polymer DODECANE 'C12 H26'
HEM non-polymer 'PROTOPORPHYRIN IX CONTAINING FE' 'C34 H32 Fe N4 O4'
#
# COMPACT_ATOMS: atom_id res chain seq x y z
N VAL A 7 -2.54 -13.12 27.75
CA VAL A 7 -1.54 -13.54 26.72
C VAL A 7 -0.83 -12.30 26.09
N ILE A 8 0.51 -12.30 26.13
CA ILE A 8 1.34 -11.35 25.37
C ILE A 8 2.46 -12.12 24.66
N ASP A 9 2.08 -12.78 23.56
CA ASP A 9 3.03 -13.55 22.73
C ASP A 9 4.20 -12.67 22.26
N ARG A 10 4.00 -11.35 22.19
CA ARG A 10 5.08 -10.37 21.99
C ARG A 10 5.59 -10.46 20.55
N PHE A 11 5.99 -11.67 20.19
CA PHE A 11 6.24 -12.01 18.82
C PHE A 11 4.95 -12.24 18.00
N ASP A 12 3.75 -12.26 18.62
CA ASP A 12 2.48 -12.20 17.83
C ASP A 12 2.37 -10.75 17.42
N VAL A 13 2.97 -10.48 16.26
CA VAL A 13 3.09 -9.15 15.70
C VAL A 13 1.90 -8.84 14.78
N SER A 14 0.89 -9.70 14.76
CA SER A 14 -0.42 -9.35 14.22
C SER A 14 -1.09 -8.14 14.94
N ARG A 15 -0.73 -7.91 16.21
CA ARG A 15 -1.54 -7.07 17.09
C ARG A 15 -1.56 -5.58 16.71
N PRO A 16 -2.75 -5.06 16.34
CA PRO A 16 -2.94 -3.69 15.84
C PRO A 16 -2.50 -2.61 16.80
N GLU A 17 -2.46 -3.00 18.08
CA GLU A 17 -1.77 -2.26 19.13
C GLU A 17 -0.40 -1.80 18.70
N LEU A 18 0.41 -2.71 18.13
CA LEU A 18 1.83 -2.40 17.95
C LEU A 18 2.01 -1.28 16.98
N TYR A 19 1.12 -1.24 15.99
CA TYR A 19 1.20 -0.27 14.92
C TYR A 19 0.59 1.04 15.40
N ARG A 20 -0.70 1.06 15.77
CA ARG A 20 -1.27 2.28 16.37
C ARG A 20 -0.33 2.99 17.37
N ASP A 21 0.19 2.24 18.32
CA ASP A 21 0.95 2.81 19.43
C ASP A 21 2.43 2.91 19.10
N ASP A 22 2.87 2.29 18.00
CA ASP A 22 4.26 2.41 17.51
C ASP A 22 5.28 1.69 18.43
N LEU A 23 5.01 0.40 18.60
CA LEU A 23 5.78 -0.49 19.48
C LEU A 23 6.36 -1.67 18.70
N TRP A 24 6.23 -1.63 17.38
CA TRP A 24 6.69 -2.74 16.54
C TRP A 24 8.21 -2.84 16.39
N GLN A 25 8.97 -1.83 16.77
CA GLN A 25 10.39 -1.80 16.45
C GLN A 25 11.20 -2.91 17.16
N ALA A 26 11.08 -3.01 18.48
CA ALA A 26 11.89 -3.99 19.29
C ALA A 26 11.63 -5.47 19.02
N PRO A 27 10.34 -5.92 19.03
CA PRO A 27 10.09 -7.36 18.71
C PRO A 27 10.67 -7.78 17.35
N PHE A 28 10.36 -6.99 16.32
CA PHE A 28 10.98 -7.18 15.02
C PHE A 28 12.49 -6.93 14.99
N ARG A 29 13.05 -6.17 15.94
CA ARG A 29 14.52 -6.10 16.09
C ARG A 29 15.09 -7.43 16.57
N GLU A 30 14.40 -8.09 17.51
CA GLU A 30 14.85 -9.39 18.05
C GLU A 30 14.55 -10.51 17.07
N LEU A 31 13.31 -10.59 16.60
CA LEU A 31 12.92 -11.65 15.64
C LEU A 31 13.94 -11.79 14.51
N ARG A 32 14.42 -10.68 13.98
CA ARG A 32 15.47 -10.73 12.95
C ARG A 32 16.72 -11.38 13.52
N ALA A 33 17.26 -10.79 14.60
CA ALA A 33 18.52 -11.26 15.21
C ALA A 33 18.52 -12.66 15.84
N THR A 34 17.35 -13.27 16.05
CA THR A 34 17.27 -14.65 16.61
C THR A 34 16.15 -15.57 16.10
N ALA A 35 15.29 -15.14 15.18
CA ALA A 35 14.24 -16.02 14.68
C ALA A 35 13.53 -15.42 13.46
N PRO A 36 14.27 -15.21 12.38
CA PRO A 36 13.72 -14.45 11.27
C PRO A 36 12.55 -15.17 10.60
N VAL A 37 12.61 -16.50 10.57
CA VAL A 37 11.44 -17.31 10.27
C VAL A 37 11.04 -18.00 11.58
N HIS A 38 9.84 -17.67 12.04
CA HIS A 38 9.32 -18.04 13.35
C HIS A 38 7.83 -18.32 13.24
N ARG A 39 7.38 -19.39 13.86
CA ARG A 39 5.95 -19.70 13.84
C ARG A 39 5.28 -19.10 15.07
N VAL A 40 4.29 -18.24 14.82
CA VAL A 40 3.37 -17.82 15.86
C VAL A 40 2.22 -18.79 15.74
N GLU A 41 2.38 -19.90 16.47
CA GLU A 41 1.33 -20.90 16.80
C GLU A 41 -0.07 -20.39 17.12
N HIS A 42 -0.18 -19.50 18.11
CA HIS A 42 -1.43 -18.78 18.33
C HIS A 42 -1.16 -17.31 18.78
N SER A 43 -1.75 -16.30 18.10
CA SER A 43 -2.70 -16.47 16.98
C SER A 43 -3.26 -15.11 16.52
N ASP A 44 -4.26 -14.66 17.29
CA ASP A 44 -5.29 -13.70 16.87
C ASP A 44 -6.02 -14.06 15.56
N PHE A 45 -5.26 -14.26 14.47
CA PHE A 45 -5.82 -14.64 13.14
C PHE A 45 -5.78 -16.13 12.85
N GLY A 46 -5.32 -16.92 13.80
CA GLY A 46 -4.87 -18.27 13.52
C GLY A 46 -3.35 -18.24 13.45
N PRO A 47 -2.69 -19.41 13.57
CA PRO A 47 -1.22 -19.48 13.53
C PRO A 47 -0.61 -18.88 12.24
N TYR A 48 0.55 -18.24 12.37
CA TYR A 48 1.27 -17.82 11.17
C TYR A 48 2.77 -17.97 11.34
N TRP A 49 3.44 -17.84 10.20
CA TRP A 49 4.88 -17.81 10.08
C TRP A 49 5.31 -16.35 9.89
N SER A 50 5.93 -15.77 10.90
CA SER A 50 6.55 -14.44 10.79
C SER A 50 7.83 -14.50 9.97
N VAL A 51 7.74 -14.18 8.67
CA VAL A 51 8.95 -13.95 7.84
C VAL A 51 9.44 -12.50 7.98
N SER A 52 10.56 -12.31 8.66
CA SER A 52 10.85 -11.01 9.25
C SER A 52 12.11 -10.34 8.72
N SER A 53 12.74 -10.94 7.71
CA SER A 53 14.02 -10.43 7.23
C SER A 53 14.03 -10.34 5.73
N TYR A 54 15.00 -9.57 5.23
CA TYR A 54 15.05 -9.18 3.84
C TYR A 54 15.27 -10.38 2.91
N LYS A 55 16.34 -11.12 3.21
CA LYS A 55 16.77 -12.17 2.33
C LYS A 55 15.69 -13.25 2.20
N PRO A 56 15.20 -13.78 3.35
CA PRO A 56 14.09 -14.74 3.34
C PRO A 56 12.82 -14.34 2.58
N ILE A 57 12.46 -13.06 2.61
CA ILE A 57 11.25 -12.59 1.91
C ILE A 57 11.43 -12.83 0.42
N ILE A 58 12.52 -12.28 -0.10
CA ILE A 58 12.84 -12.40 -1.50
C ILE A 58 12.66 -13.86 -1.95
N THR A 59 13.22 -14.78 -1.18
CA THR A 59 13.25 -16.19 -1.55
C THR A 59 11.83 -16.79 -1.53
N VAL A 60 10.95 -16.27 -0.71
CA VAL A 60 9.56 -16.70 -0.72
C VAL A 60 8.85 -16.17 -1.97
N GLU A 61 9.04 -14.88 -2.23
CA GLU A 61 8.35 -14.17 -3.31
C GLU A 61 8.89 -14.59 -4.68
N SER A 62 10.15 -15.02 -4.74
CA SER A 62 10.70 -15.63 -5.95
C SER A 62 10.33 -17.12 -6.09
N LEU A 63 9.33 -17.61 -5.36
CA LEU A 63 8.94 -19.02 -5.40
C LEU A 63 7.41 -19.18 -5.39
N PRO A 64 6.73 -18.65 -6.42
CA PRO A 64 5.24 -18.63 -6.43
C PRO A 64 4.53 -19.97 -6.40
N ASP A 65 5.22 -21.04 -6.78
CA ASP A 65 4.63 -22.37 -6.66
C ASP A 65 4.65 -22.83 -5.18
N LEU A 66 5.83 -22.91 -4.53
CA LEU A 66 5.95 -23.30 -3.09
C LEU A 66 5.09 -22.50 -2.12
N TYR A 67 4.83 -21.23 -2.46
CA TYR A 67 4.14 -20.25 -1.61
C TYR A 67 3.07 -19.44 -2.40
N SER A 68 1.87 -20.02 -2.52
CA SER A 68 0.77 -19.45 -3.32
C SER A 68 0.24 -18.07 -2.85
N SER A 69 -0.25 -17.32 -3.84
CA SER A 69 -1.01 -16.09 -3.63
C SER A 69 -2.52 -16.35 -3.71
N ALA A 70 -2.97 -17.45 -4.33
CA ALA A 70 -4.43 -17.79 -4.42
C ALA A 70 -5.03 -18.67 -3.24
N GLY A 71 -4.56 -18.44 -2.01
CA GLY A 71 -5.28 -18.83 -0.77
C GLY A 71 -5.27 -17.69 0.27
N GLY A 72 -5.69 -16.49 -0.11
CA GLY A 72 -5.59 -15.27 0.73
C GLY A 72 -4.20 -14.63 0.80
N ILE A 73 -4.14 -13.30 0.74
CA ILE A 73 -2.85 -12.53 0.70
C ILE A 73 -2.52 -11.62 1.88
N THR A 74 -3.46 -11.45 2.82
CA THR A 74 -3.18 -10.89 4.18
C THR A 74 -3.42 -11.98 5.22
N LEU A 75 -3.05 -11.72 6.46
CA LEU A 75 -3.21 -12.73 7.51
C LEU A 75 -4.69 -13.15 7.79
N ALA A 76 -5.67 -12.45 7.21
CA ALA A 76 -7.08 -12.84 7.26
C ALA A 76 -7.43 -13.94 6.27
N ASP A 77 -8.47 -14.71 6.64
CA ASP A 77 -8.93 -15.89 5.88
C ASP A 77 -10.35 -15.79 5.29
N PHE A 78 -10.68 -16.74 4.42
CA PHE A 78 -12.07 -16.95 3.90
C PHE A 78 -13.19 -17.01 4.97
N ILE A 79 -12.82 -17.44 6.18
CA ILE A 79 -13.66 -17.47 7.40
C ILE A 79 -15.15 -17.93 7.28
N GLU A 80 -15.46 -18.84 6.36
CA GLU A 80 -16.82 -19.37 6.27
C GLU A 80 -16.89 -20.68 5.51
N ASN A 81 -17.83 -21.53 5.93
CA ASN A 81 -18.12 -22.80 5.29
C ASN A 81 -19.20 -22.65 4.21
N ASN A 82 -18.86 -23.06 2.99
CA ASN A 82 -19.84 -23.46 1.95
C ASN A 82 -20.88 -22.37 1.48
N PRO A 83 -22.19 -22.42 1.88
CA PRO A 83 -23.04 -21.34 1.33
C PRO A 83 -23.18 -20.05 2.17
N THR A 84 -22.12 -19.24 2.20
CA THR A 84 -22.23 -17.78 2.39
C THR A 84 -21.30 -17.10 1.36
N ASP A 85 -21.26 -17.68 0.15
CA ASP A 85 -20.70 -17.08 -1.07
C ASP A 85 -19.36 -16.29 -0.90
N VAL A 86 -19.45 -14.98 -0.61
CA VAL A 86 -18.29 -14.05 -0.45
C VAL A 86 -17.19 -14.26 -1.54
N ARG A 87 -15.90 -14.31 -1.20
CA ARG A 87 -14.81 -14.62 -2.15
C ARG A 87 -14.70 -13.63 -3.33
N MET A 88 -13.88 -12.60 -3.14
CA MET A 88 -13.76 -11.48 -4.06
C MET A 88 -12.42 -11.63 -4.78
N PRO A 89 -12.42 -11.93 -6.10
CA PRO A 89 -11.24 -12.53 -6.78
C PRO A 89 -9.85 -11.84 -6.70
N MET A 90 -9.65 -10.66 -7.29
CA MET A 90 -8.36 -9.88 -7.26
C MET A 90 -7.15 -10.55 -7.91
N PHE A 91 -6.62 -9.98 -8.99
CA PHE A 91 -5.39 -10.56 -9.57
C PHE A 91 -4.10 -10.47 -8.74
N ILE A 92 -4.11 -9.76 -7.61
CA ILE A 92 -3.05 -9.91 -6.62
C ILE A 92 -3.18 -11.23 -5.88
N ALA A 93 -4.41 -11.77 -5.85
CA ALA A 93 -4.70 -13.08 -5.24
C ALA A 93 -4.84 -14.18 -6.29
N MET A 94 -3.86 -14.28 -7.18
CA MET A 94 -3.93 -15.24 -8.27
C MET A 94 -2.51 -15.78 -8.56
N ASP A 95 -2.43 -16.75 -9.45
CA ASP A 95 -1.25 -17.58 -9.60
C ASP A 95 -1.12 -18.06 -11.05
N ARG A 96 -0.26 -19.06 -11.25
CA ARG A 96 -0.32 -19.99 -12.38
C ARG A 96 -0.22 -19.15 -13.66
N PRO A 97 -1.22 -19.23 -14.59
CA PRO A 97 -1.08 -18.25 -15.66
C PRO A 97 -2.03 -17.04 -15.54
N LYS A 98 -3.18 -17.20 -14.86
CA LYS A 98 -4.29 -16.24 -14.90
C LYS A 98 -3.83 -14.87 -14.40
N HIS A 99 -3.04 -14.92 -13.33
CA HIS A 99 -2.33 -13.75 -12.80
C HIS A 99 -1.60 -12.95 -13.86
N THR A 100 -0.82 -13.61 -14.70
CA THR A 100 -0.10 -12.90 -15.76
C THR A 100 -1.05 -12.44 -16.87
N GLY A 101 -2.16 -13.15 -17.04
CA GLY A 101 -3.25 -12.69 -17.90
C GLY A 101 -3.73 -11.29 -17.53
N GLN A 102 -4.07 -11.10 -16.28
CA GLN A 102 -4.78 -9.89 -15.87
C GLN A 102 -3.84 -8.74 -15.54
N ARG A 103 -2.61 -9.06 -15.14
CA ARG A 103 -1.59 -8.03 -14.91
C ARG A 103 -1.21 -7.33 -16.22
N ARG A 104 -1.12 -8.13 -17.28
CA ARG A 104 -1.05 -7.63 -18.67
C ARG A 104 -2.08 -6.53 -18.97
N THR A 105 -3.32 -6.72 -18.54
CA THR A 105 -4.42 -5.86 -18.94
C THR A 105 -4.58 -4.59 -18.13
N VAL A 106 -3.74 -4.37 -17.10
CA VAL A 106 -3.66 -3.05 -16.44
C VAL A 106 -2.28 -2.38 -16.52
N ALA A 107 -1.23 -3.14 -16.73
CA ALA A 107 0.12 -2.60 -16.73
C ALA A 107 0.34 -1.44 -17.73
N PRO A 108 -0.32 -1.48 -18.91
CA PRO A 108 -0.06 -0.38 -19.82
C PRO A 108 -0.49 1.01 -19.33
N ALA A 109 -1.30 1.09 -18.27
CA ALA A 109 -1.59 2.39 -17.63
C ALA A 109 -0.36 3.03 -17.02
N PHE A 110 0.68 2.22 -16.74
CA PHE A 110 1.92 2.67 -16.08
C PHE A 110 3.18 2.53 -16.95
N THR A 111 3.00 2.60 -18.27
CA THR A 111 4.12 2.70 -19.22
C THR A 111 4.68 4.08 -19.07
N PRO A 112 6.01 4.23 -19.00
CA PRO A 112 6.58 5.56 -18.63
C PRO A 112 6.12 6.73 -19.52
N SER A 113 5.68 6.46 -20.76
CA SER A 113 5.06 7.46 -21.62
C SER A 113 3.72 7.96 -21.08
N GLU A 114 2.92 7.05 -20.53
CA GLU A 114 1.70 7.42 -19.79
C GLU A 114 1.98 8.27 -18.56
N MET A 115 3.11 8.02 -17.91
CA MET A 115 3.57 8.86 -16.81
C MET A 115 3.84 10.27 -17.33
N VAL A 116 4.52 10.39 -18.46
CA VAL A 116 4.81 11.70 -19.06
C VAL A 116 3.50 12.44 -19.41
N ARG A 117 2.54 11.72 -20.01
CA ARG A 117 1.20 12.26 -20.31
C ARG A 117 0.50 12.82 -19.06
N MET A 118 0.44 12.00 -18.01
CA MET A 118 -0.14 12.40 -16.71
C MET A 118 0.74 13.34 -15.83
N SER A 119 2.03 13.45 -16.13
CA SER A 119 2.93 14.34 -15.39
C SER A 119 2.40 15.78 -15.28
N ASP A 120 1.83 16.27 -16.36
CA ASP A 120 1.39 17.66 -16.47
C ASP A 120 0.12 17.96 -15.70
N ASN A 121 -0.85 17.07 -15.77
CA ASN A 121 -2.03 17.18 -14.92
C ASN A 121 -1.66 17.05 -13.45
N ILE A 122 -0.87 16.03 -13.10
CA ILE A 122 -0.51 15.77 -11.69
C ILE A 122 0.08 17.03 -11.14
N ARG A 123 1.09 17.55 -11.82
CA ARG A 123 1.65 18.85 -11.45
C ARG A 123 0.61 20.01 -11.19
N MET A 124 -0.44 20.14 -12.02
CA MET A 124 -1.42 21.24 -11.84
C MET A 124 -2.15 21.05 -10.54
N ARG A 125 -2.58 19.83 -10.27
CA ARG A 125 -3.32 19.55 -9.04
C ARG A 125 -2.45 19.62 -7.79
N THR A 126 -1.23 19.11 -7.86
CA THR A 126 -0.29 19.30 -6.76
C THR A 126 -0.03 20.79 -6.52
N ALA A 127 0.27 21.55 -7.57
CA ALA A 127 0.38 23.03 -7.46
C ALA A 127 -0.85 23.68 -6.82
N GLU A 128 -2.01 23.43 -7.45
CA GLU A 128 -3.32 23.98 -7.07
C GLU A 128 -3.65 23.70 -5.60
N VAL A 129 -3.34 22.50 -5.12
CA VAL A 129 -3.54 22.17 -3.70
C VAL A 129 -2.66 23.03 -2.82
N LEU A 130 -1.37 23.03 -3.11
CA LEU A 130 -0.38 23.73 -2.26
C LEU A 130 -0.57 25.25 -2.18
N ASP A 131 -1.23 25.84 -3.19
CA ASP A 131 -1.56 27.26 -3.17
C ASP A 131 -2.81 27.56 -2.34
N SER A 132 -3.69 26.58 -2.15
CA SER A 132 -4.81 26.73 -1.22
C SER A 132 -4.31 26.81 0.22
N LEU A 133 -3.13 26.26 0.48
CA LEU A 133 -2.60 26.19 1.83
C LEU A 133 -2.12 27.55 2.33
N GLU A 134 -2.42 27.82 3.59
CA GLU A 134 -1.97 29.01 4.28
C GLU A 134 -0.91 28.64 5.30
N TRP A 135 -0.15 29.67 5.69
CA TRP A 135 1.11 29.51 6.39
C TRP A 135 0.97 29.73 7.87
N ASN A 136 1.66 28.89 8.61
CA ASN A 136 1.71 28.92 10.05
C ASN A 136 0.39 28.64 10.79
N THR A 137 -0.77 28.91 10.17
CA THR A 137 -2.05 28.37 10.66
C THR A 137 -1.97 26.85 10.65
N PRO A 138 -2.29 26.20 11.80
CA PRO A 138 -2.40 24.75 11.80
C PRO A 138 -3.58 24.19 10.99
N PHE A 139 -3.48 22.91 10.71
CA PHE A 139 -4.39 22.15 9.84
C PHE A 139 -3.98 20.67 9.81
N ASP A 140 -4.69 19.89 9.00
CA ASP A 140 -4.48 18.45 8.93
C ASP A 140 -3.79 18.15 7.62
N TRP A 141 -2.52 17.73 7.71
CA TRP A 141 -1.76 17.33 6.53
C TRP A 141 -2.42 16.16 5.80
N VAL A 142 -3.05 15.27 6.57
CA VAL A 142 -3.60 14.06 6.01
C VAL A 142 -4.73 14.42 5.10
N ASP A 143 -5.76 15.04 5.67
CA ASP A 143 -6.96 15.40 4.92
C ASP A 143 -6.75 16.50 3.86
N THR A 144 -6.10 17.60 4.25
CA THR A 144 -5.95 18.74 3.34
C THR A 144 -4.96 18.45 2.21
N VAL A 145 -3.92 17.64 2.44
CA VAL A 145 -2.99 17.24 1.35
C VAL A 145 -3.01 15.72 0.97
N SER A 146 -2.56 14.88 1.90
CA SER A 146 -2.28 13.49 1.58
C SER A 146 -3.50 12.75 1.02
N VAL A 147 -4.67 12.97 1.59
CA VAL A 147 -5.87 12.37 1.08
C VAL A 147 -6.24 13.15 -0.17
N GLU A 148 -6.49 14.44 0.00
CA GLU A 148 -7.08 15.25 -1.08
C GLU A 148 -6.37 14.97 -2.43
N LEU A 149 -5.03 14.92 -2.45
CA LEU A 149 -4.31 14.68 -3.71
C LEU A 149 -4.61 13.26 -4.17
N THR A 150 -3.80 12.31 -3.74
CA THR A 150 -4.13 10.88 -3.74
C THR A 150 -5.50 10.42 -4.32
N THR A 151 -6.61 10.91 -3.77
CA THR A 151 -7.95 10.49 -4.20
C THR A 151 -8.33 11.16 -5.52
N GLN A 152 -7.85 12.37 -5.74
CA GLN A 152 -7.92 12.98 -7.05
C GLN A 152 -7.32 12.01 -8.08
N MET A 153 -6.07 11.61 -7.85
CA MET A 153 -5.38 10.73 -8.78
C MET A 153 -6.19 9.48 -9.13
N LEU A 154 -6.75 8.82 -8.11
CA LEU A 154 -7.59 7.63 -8.31
C LEU A 154 -8.91 7.94 -9.05
N ALA A 155 -9.43 9.16 -8.88
CA ALA A 155 -10.57 9.65 -9.67
C ALA A 155 -10.29 9.75 -11.18
N ILE A 156 -9.05 10.06 -11.56
CA ILE A 156 -8.60 10.10 -12.96
C ILE A 156 -8.29 8.71 -13.50
N LEU A 157 -7.89 7.78 -12.63
CA LEU A 157 -7.53 6.42 -13.05
C LEU A 157 -8.74 5.57 -13.29
N PHE A 158 -9.78 5.75 -12.49
CA PHE A 158 -11.11 5.39 -12.92
C PHE A 158 -11.61 6.68 -13.56
N ASP A 159 -12.91 6.90 -13.63
CA ASP A 159 -13.40 8.27 -13.84
C ASP A 159 -14.58 8.37 -12.94
N PHE A 160 -14.70 9.45 -12.18
CA PHE A 160 -15.91 9.58 -11.33
C PHE A 160 -17.13 10.40 -11.79
N PRO A 161 -17.01 11.52 -12.53
CA PRO A 161 -15.82 12.36 -12.53
C PRO A 161 -15.80 13.17 -11.24
N TRP A 162 -14.81 14.04 -11.17
CA TRP A 162 -14.56 14.93 -10.05
C TRP A 162 -15.56 14.91 -8.90
N GLU A 163 -16.71 15.52 -9.11
CA GLU A 163 -17.54 15.94 -7.99
C GLU A 163 -18.04 14.66 -7.32
N GLU A 164 -18.13 14.71 -6.00
CA GLU A 164 -18.23 13.53 -5.12
C GLU A 164 -17.21 12.37 -5.40
N ARG A 165 -15.96 12.73 -5.70
CA ARG A 165 -14.89 11.70 -5.70
C ARG A 165 -14.46 11.21 -4.34
N ARG A 166 -14.93 11.84 -3.26
CA ARG A 166 -14.67 11.31 -1.91
C ARG A 166 -15.25 9.89 -1.67
N LYS A 167 -16.19 9.45 -2.50
CA LYS A 167 -16.63 8.03 -2.49
C LYS A 167 -15.43 7.04 -2.52
N LEU A 168 -14.43 7.33 -3.35
CA LEU A 168 -13.26 6.47 -3.50
C LEU A 168 -12.53 6.25 -2.16
N THR A 169 -12.70 7.21 -1.24
CA THR A 169 -12.45 7.00 0.20
C THR A 169 -13.52 6.04 0.89
N PHE A 170 -14.07 5.05 0.14
CA PHE A 170 -14.47 3.73 0.71
C PHE A 170 -13.49 2.62 0.35
N TRP A 171 -12.21 2.86 0.65
CA TRP A 171 -11.32 1.77 1.04
C TRP A 171 -12.11 0.97 2.08
N SER A 172 -12.30 1.52 3.29
CA SER A 172 -12.43 0.70 4.53
C SER A 172 -12.11 -0.80 4.26
N ASP A 173 -10.82 -1.04 4.01
CA ASP A 173 -10.22 -2.36 3.79
C ASP A 173 -8.91 -2.45 4.59
N TRP A 174 -9.05 -2.28 5.90
CA TRP A 174 -7.99 -2.47 6.88
C TRP A 174 -8.46 -3.74 7.59
N ALA A 175 -8.79 -4.75 6.79
CA ALA A 175 -9.35 -6.00 7.29
C ALA A 175 -8.24 -6.91 7.83
N GLY A 176 -6.98 -6.57 7.54
CA GLY A 176 -5.92 -6.75 8.51
C GLY A 176 -6.39 -5.88 9.68
N ASP A 177 -7.27 -6.47 10.51
CA ASP A 177 -7.93 -5.91 11.74
C ASP A 177 -9.38 -5.38 11.63
N ILE A 178 -10.18 -5.96 10.74
CA ILE A 178 -11.64 -5.70 10.70
C ILE A 178 -12.43 -7.01 10.64
N GLU A 179 -11.99 -7.97 9.85
CA GLU A 179 -12.51 -9.32 9.95
C GLU A 179 -11.66 -10.01 10.99
N LEU A 180 -12.02 -9.76 12.25
CA LEU A 180 -11.55 -10.51 13.41
C LEU A 180 -12.53 -10.23 14.58
N VAL A 181 -13.58 -11.05 14.65
CA VAL A 181 -14.73 -10.87 15.59
C VAL A 181 -15.55 -9.55 15.36
N LYS A 182 -15.44 -8.98 14.16
CA LYS A 182 -16.32 -7.91 13.65
C LYS A 182 -16.29 -6.52 14.33
N ASN A 183 -15.64 -5.56 13.65
CA ASN A 183 -15.74 -4.09 13.88
C ASN A 183 -17.16 -3.56 13.56
N GLU A 184 -17.92 -4.32 12.78
CA GLU A 184 -19.17 -3.86 12.19
C GLU A 184 -20.25 -4.96 12.05
N GLU A 185 -20.14 -6.05 12.81
CA GLU A 185 -20.85 -7.32 12.57
C GLU A 185 -20.57 -7.96 11.19
N LEU A 186 -20.51 -7.12 10.13
CA LEU A 186 -19.82 -7.39 8.83
C LEU A 186 -20.76 -7.86 7.73
N ARG A 187 -21.39 -9.00 7.98
CA ARG A 187 -22.15 -9.78 6.99
C ARG A 187 -23.03 -8.97 5.99
N LEU A 188 -23.50 -7.79 6.39
CA LEU A 188 -24.13 -6.83 5.46
C LEU A 188 -23.66 -5.39 5.75
N GLU A 189 -22.34 -5.22 5.96
CA GLU A 189 -21.75 -3.92 6.36
C GLU A 189 -20.49 -3.56 5.54
N ARG A 190 -19.32 -4.14 5.83
CA ARG A 190 -18.18 -3.96 4.91
C ARG A 190 -18.55 -4.54 3.55
N LEU A 191 -19.24 -5.68 3.58
CA LEU A 191 -19.77 -6.32 2.36
C LEU A 191 -20.75 -5.38 1.60
N ARG A 192 -21.70 -4.79 2.33
CA ARG A 192 -22.70 -3.87 1.77
C ARG A 192 -22.07 -2.56 1.31
N HIS A 193 -21.13 -2.04 2.11
CA HIS A 193 -20.25 -0.93 1.69
C HIS A 193 -19.57 -1.29 0.36
N MET A 194 -19.08 -2.54 0.24
CA MET A 194 -18.47 -3.03 -1.00
C MET A 194 -19.46 -3.24 -2.13
N TYR A 195 -20.69 -3.70 -1.87
CA TYR A 195 -21.70 -3.83 -2.95
C TYR A 195 -22.15 -2.48 -3.50
N GLU A 196 -22.50 -1.55 -2.60
CA GLU A 196 -22.86 -0.16 -3.00
C GLU A 196 -21.77 0.48 -3.89
N CYS A 197 -20.50 0.15 -3.62
CA CYS A 197 -19.37 0.47 -4.54
C CYS A 197 -19.55 -0.17 -5.93
N GLY A 198 -19.69 -1.49 -5.92
CA GLY A 198 -19.78 -2.29 -7.14
C GLY A 198 -20.93 -1.87 -8.04
N GLY A 199 -22.08 -1.61 -7.43
CA GLY A 199 -23.24 -1.09 -8.14
C GLY A 199 -22.85 0.15 -8.92
N TYR A 200 -22.39 1.16 -8.17
CA TYR A 200 -21.90 2.43 -8.74
C TYR A 200 -20.92 2.25 -9.91
N PHE A 201 -19.98 1.30 -9.78
CA PHE A 201 -19.03 1.02 -10.87
C PHE A 201 -19.66 0.31 -12.05
N GLN A 202 -20.65 -0.56 -11.80
CA GLN A 202 -21.42 -1.16 -12.90
C GLN A 202 -22.12 -0.07 -13.76
N ASN A 203 -22.66 0.97 -13.11
CA ASN A 203 -23.23 2.14 -13.82
C ASN A 203 -22.17 2.82 -14.69
N LEU A 204 -20.95 2.93 -14.16
CA LEU A 204 -19.82 3.51 -14.88
C LEU A 204 -19.32 2.64 -16.04
N TRP A 205 -19.42 1.32 -15.88
CA TRP A 205 -19.10 0.36 -16.96
C TRP A 205 -20.08 0.47 -18.14
N ASN A 206 -21.37 0.72 -17.83
CA ASN A 206 -22.42 0.88 -18.85
C ASN A 206 -22.44 2.27 -19.48
N ALA A 207 -22.00 3.26 -18.71
CA ALA A 207 -21.74 4.61 -19.24
C ALA A 207 -20.60 4.62 -20.28
N LYS A 208 -19.68 3.64 -20.23
CA LYS A 208 -18.62 3.46 -21.25
C LYS A 208 -18.73 2.09 -21.95
N ILE A 209 -19.65 2.01 -22.91
CA ILE A 209 -19.63 0.99 -23.97
C ILE A 209 -19.66 1.64 -25.39
N GLY A 210 -19.39 2.94 -25.45
CA GLY A 210 -19.09 3.65 -26.70
C GLY A 210 -17.79 4.42 -26.49
N LYS A 211 -17.19 4.91 -27.59
CA LYS A 211 -15.85 5.56 -27.64
C LYS A 211 -14.66 4.57 -27.53
N PRO A 212 -13.46 4.98 -28.00
CA PRO A 212 -12.22 4.20 -27.79
C PRO A 212 -11.80 4.04 -26.31
N PRO A 213 -10.60 3.50 -26.05
CA PRO A 213 -10.01 3.51 -24.69
C PRO A 213 -9.75 4.92 -24.12
N THR A 214 -10.47 5.25 -23.04
CA THR A 214 -10.36 6.55 -22.38
C THR A 214 -9.38 6.49 -21.18
N PRO A 215 -8.14 6.01 -21.38
CA PRO A 215 -7.26 5.50 -20.34
C PRO A 215 -7.86 4.80 -19.08
N ASP A 216 -7.39 3.58 -18.77
CA ASP A 216 -7.80 2.73 -17.59
C ASP A 216 -9.28 2.72 -17.25
N LEU A 217 -9.80 3.92 -16.97
CA LEU A 217 -11.14 4.12 -16.46
C LEU A 217 -12.14 3.16 -17.08
N ILE A 218 -12.17 1.95 -16.50
CA ILE A 218 -12.90 0.82 -17.04
C ILE A 218 -12.33 0.49 -18.43
N SER A 219 -12.53 1.39 -19.42
CA SER A 219 -11.81 1.48 -20.71
C SER A 219 -10.86 0.36 -21.03
N MET A 220 -9.83 0.26 -20.19
CA MET A 220 -8.73 -0.64 -20.40
C MET A 220 -9.11 -2.11 -20.17
N MET A 221 -10.13 -2.32 -19.33
CA MET A 221 -10.70 -3.64 -19.08
C MET A 221 -11.57 -4.22 -20.23
N ILE A 222 -11.82 -3.41 -21.27
CA ILE A 222 -12.71 -3.76 -22.39
C ILE A 222 -12.28 -3.16 -23.76
N HIS A 223 -12.75 -1.94 -24.11
CA HIS A 223 -12.50 -1.33 -25.45
C HIS A 223 -11.03 -1.23 -25.86
N SER A 224 -10.12 -1.31 -24.89
CA SER A 224 -8.68 -1.53 -25.13
C SER A 224 -8.36 -3.04 -25.06
N ASP A 225 -8.98 -3.80 -25.96
CA ASP A 225 -8.85 -5.27 -26.06
C ASP A 225 -9.31 -6.01 -24.78
N ALA A 226 -8.45 -6.06 -23.76
CA ALA A 226 -8.59 -6.98 -22.66
C ALA A 226 -8.85 -8.39 -23.18
N MET A 227 -7.84 -8.94 -23.85
CA MET A 227 -7.79 -10.36 -24.19
C MET A 227 -7.98 -11.12 -22.87
N ALA A 228 -9.22 -11.54 -22.60
CA ALA A 228 -9.65 -12.02 -21.29
C ALA A 228 -9.61 -10.92 -20.21
N GLU A 229 -10.08 -11.24 -19.01
CA GLU A 229 -10.66 -10.27 -18.06
C GLU A 229 -12.10 -9.95 -18.59
N MET A 230 -12.97 -10.96 -18.47
CA MET A 230 -14.34 -10.97 -19.00
C MET A 230 -15.25 -10.04 -18.18
N ASP A 231 -15.91 -10.55 -17.12
CA ASP A 231 -16.74 -9.73 -16.21
C ASP A 231 -17.04 -10.55 -14.91
N GLN A 232 -18.31 -10.62 -14.46
CA GLN A 232 -18.84 -11.60 -13.48
C GLN A 232 -18.43 -11.41 -12.01
N MET A 233 -18.52 -10.16 -11.53
CA MET A 233 -18.10 -9.75 -10.17
C MET A 233 -16.60 -10.02 -9.82
N GLU A 234 -15.72 -9.96 -10.82
CA GLU A 234 -14.29 -9.74 -10.60
C GLU A 234 -14.09 -8.42 -9.85
N PHE A 235 -14.95 -7.45 -10.22
CA PHE A 235 -15.01 -6.07 -9.71
C PHE A 235 -14.74 -5.85 -8.23
N LEU A 236 -15.69 -6.28 -7.40
CA LEU A 236 -15.41 -6.47 -6.00
C LEU A 236 -14.35 -7.55 -6.00
N GLY A 237 -13.13 -7.07 -5.88
CA GLY A 237 -11.94 -7.83 -6.15
C GLY A 237 -11.00 -6.92 -6.90
N ASN A 238 -10.97 -7.03 -8.21
CA ASN A 238 -10.03 -6.23 -9.00
C ASN A 238 -10.08 -4.73 -8.70
N LEU A 239 -11.26 -4.14 -8.72
CA LEU A 239 -11.33 -2.71 -8.40
C LEU A 239 -11.31 -2.43 -6.89
N ILE A 240 -11.62 -3.41 -6.03
CA ILE A 240 -11.20 -3.28 -4.61
C ILE A 240 -9.68 -3.09 -4.55
N LEU A 241 -8.97 -3.96 -5.27
CA LEU A 241 -7.51 -3.93 -5.31
C LEU A 241 -7.05 -2.58 -5.82
N LEU A 242 -7.56 -2.23 -7.00
CA LEU A 242 -7.08 -1.02 -7.69
C LEU A 242 -7.27 0.23 -6.84
N ILE A 243 -8.47 0.38 -6.26
CA ILE A 243 -8.76 1.46 -5.32
C ILE A 243 -7.67 1.55 -4.26
N VAL A 244 -7.52 0.50 -3.47
CA VAL A 244 -6.61 0.52 -2.32
C VAL A 244 -5.20 0.82 -2.80
N GLY A 245 -4.73 0.09 -3.81
CA GLY A 245 -3.40 0.31 -4.34
C GLY A 245 -3.22 1.77 -4.74
N GLY A 246 -4.15 2.25 -5.56
CA GLY A 246 -4.04 3.57 -6.19
C GLY A 246 -4.44 4.81 -5.39
N ASN A 247 -4.34 4.71 -4.05
CA ASN A 247 -4.80 5.79 -3.17
C ASN A 247 -4.23 5.73 -1.75
N ASP A 248 -4.51 4.65 -1.05
CA ASP A 248 -4.17 4.54 0.36
C ASP A 248 -2.66 4.42 0.57
N THR A 249 -2.01 3.73 -0.35
CA THR A 249 -0.60 3.43 -0.25
C THR A 249 0.20 4.70 -0.42
N THR A 250 -0.21 5.51 -1.40
CA THR A 250 0.45 6.76 -1.70
C THR A 250 0.22 7.76 -0.58
N ARG A 251 -1.05 7.91 -0.21
CA ARG A 251 -1.44 8.75 0.89
C ARG A 251 -0.45 8.66 2.05
N ASN A 252 -0.31 7.46 2.61
CA ASN A 252 0.46 7.26 3.82
C ASN A 252 1.95 7.61 3.62
N THR A 253 2.39 7.54 2.37
CA THR A 253 3.69 8.05 1.93
C THR A 253 3.74 9.59 1.97
N MET A 254 2.82 10.26 1.29
CA MET A 254 2.77 11.73 1.40
C MET A 254 2.70 12.10 2.89
N SER A 255 1.70 11.59 3.60
CA SER A 255 1.67 11.71 5.08
C SER A 255 3.04 11.42 5.77
N ALA A 256 3.84 10.50 5.22
CA ALA A 256 5.14 10.19 5.80
C ALA A 256 6.26 11.16 5.39
N VAL A 257 6.10 11.88 4.26
CA VAL A 257 7.13 12.85 3.82
C VAL A 257 7.11 14.04 4.75
N ALA A 258 5.93 14.41 5.22
CA ALA A 258 5.78 15.53 6.15
C ALA A 258 6.30 15.12 7.50
N TYR A 259 5.82 13.98 7.97
CA TYR A 259 6.12 13.46 9.30
C TYR A 259 7.55 13.03 9.39
N GLY A 260 7.97 12.25 8.38
CA GLY A 260 9.24 11.56 8.40
C GLY A 260 10.32 12.58 8.39
N LEU A 261 10.32 13.43 7.36
CA LEU A 261 11.38 14.38 7.17
C LEU A 261 11.53 15.22 8.41
N ASP A 262 10.42 15.78 8.91
CA ASP A 262 10.45 16.57 10.14
C ASP A 262 11.17 15.94 11.35
N LEU A 263 11.12 14.62 11.50
CA LEU A 263 11.87 13.94 12.57
C LEU A 263 13.36 14.01 12.35
N PHE A 264 13.77 14.12 11.09
CA PHE A 264 15.16 14.11 10.71
C PHE A 264 15.51 15.40 9.98
N PRO A 265 15.36 16.53 10.68
CA PRO A 265 15.38 17.84 10.03
C PRO A 265 16.69 18.22 9.33
N ASP A 266 17.82 17.57 9.70
CA ASP A 266 19.10 17.79 9.03
C ASP A 266 19.03 17.22 7.62
N GLN A 267 18.56 15.99 7.53
CA GLN A 267 18.35 15.32 6.24
C GLN A 267 17.29 16.03 5.39
N ARG A 268 16.31 16.62 6.06
CA ARG A 268 15.34 17.48 5.39
C ARG A 268 16.04 18.71 4.79
N ALA A 269 16.86 19.38 5.60
CA ALA A 269 17.55 20.63 5.21
C ALA A 269 18.48 20.46 4.00
N LYS A 270 19.18 19.32 3.98
CA LYS A 270 19.98 18.89 2.83
C LYS A 270 19.14 18.72 1.56
N LEU A 271 17.99 18.07 1.70
CA LEU A 271 17.03 17.97 0.60
C LEU A 271 16.54 19.37 0.23
N GLU A 272 16.19 20.15 1.25
CA GLU A 272 15.75 21.52 1.03
C GLU A 272 16.78 22.30 0.22
N ALA A 273 18.05 22.16 0.62
CA ALA A 273 19.16 22.69 -0.16
C ALA A 273 19.26 22.07 -1.59
N ASP A 274 19.15 20.75 -1.72
CA ASP A 274 19.45 20.05 -2.99
C ASP A 274 18.27 19.24 -3.60
N PRO A 275 17.53 19.84 -4.57
CA PRO A 275 16.43 19.12 -5.20
C PRO A 275 16.81 17.96 -6.10
N SER A 276 18.08 17.82 -6.43
CA SER A 276 18.53 16.61 -7.15
C SER A 276 18.46 15.36 -6.27
N MET A 277 18.41 15.56 -4.95
CA MET A 277 18.17 14.43 -4.02
C MET A 277 16.78 13.81 -4.19
N ILE A 278 15.79 14.60 -4.61
CA ILE A 278 14.38 14.18 -4.65
C ILE A 278 14.13 12.68 -4.91
N PRO A 279 14.62 12.14 -6.03
CA PRO A 279 14.19 10.78 -6.38
C PRO A 279 14.58 9.74 -5.37
N ASN A 280 15.80 9.86 -4.88
CA ASN A 280 16.27 8.95 -3.85
C ASN A 280 15.54 9.27 -2.52
N THR A 281 15.22 10.54 -2.30
CA THR A 281 14.37 10.90 -1.18
C THR A 281 13.04 10.13 -1.22
N VAL A 282 12.39 10.09 -2.40
CA VAL A 282 11.09 9.39 -2.58
C VAL A 282 11.22 7.93 -2.19
N GLN A 283 12.24 7.27 -2.73
CA GLN A 283 12.48 5.88 -2.38
C GLN A 283 12.75 5.72 -0.88
N GLU A 284 13.74 6.46 -0.38
CA GLU A 284 14.10 6.37 1.02
C GLU A 284 12.88 6.49 1.90
N ILE A 285 11.93 7.35 1.50
CA ILE A 285 10.71 7.55 2.32
C ILE A 285 9.76 6.37 2.16
N ILE A 286 9.65 5.86 0.95
CA ILE A 286 8.78 4.72 0.76
C ILE A 286 9.30 3.56 1.56
N ARG A 287 10.62 3.45 1.68
CA ARG A 287 11.21 2.39 2.49
C ARG A 287 10.74 2.57 3.93
N TRP A 288 11.21 3.66 4.53
CA TRP A 288 10.87 4.11 5.90
C TRP A 288 9.48 3.72 6.40
N GLN A 289 8.50 3.99 5.53
CA GLN A 289 7.13 3.85 5.90
C GLN A 289 6.65 2.42 5.70
N THR A 290 6.88 1.88 4.52
CA THR A 290 6.30 0.61 4.17
C THR A 290 4.79 0.79 4.37
N PRO A 291 4.13 1.53 3.46
CA PRO A 291 2.68 1.70 3.52
C PRO A 291 1.85 0.42 3.71
N LEU A 292 2.37 -0.73 3.29
CA LEU A 292 1.81 -2.02 3.66
C LEU A 292 2.90 -2.76 4.37
N ALA A 293 2.71 -2.98 5.65
CA ALA A 293 3.74 -3.58 6.49
C ALA A 293 4.01 -5.04 6.10
N HIS A 294 2.96 -5.71 5.64
CA HIS A 294 3.04 -7.14 5.38
C HIS A 294 2.15 -7.56 4.24
N MET A 295 2.62 -8.57 3.50
CA MET A 295 1.79 -9.43 2.69
C MET A 295 1.99 -10.90 3.14
N ARG A 296 0.99 -11.73 2.84
CA ARG A 296 1.00 -13.15 3.20
C ARG A 296 1.02 -14.04 1.96
N ARG A 297 1.80 -15.13 2.03
CA ARG A 297 1.65 -16.26 1.10
C ARG A 297 1.12 -17.51 1.83
N THR A 298 0.78 -18.55 1.07
CA THR A 298 0.35 -19.82 1.66
C THR A 298 1.07 -21.03 1.05
N ALA A 299 1.70 -21.84 1.92
CA ALA A 299 2.45 -23.04 1.51
C ALA A 299 1.56 -24.13 0.86
N THR A 300 1.89 -24.51 -0.37
CA THR A 300 1.16 -25.58 -1.10
C THR A 300 1.74 -27.00 -0.88
N VAL A 301 3.04 -27.09 -0.67
CA VAL A 301 3.67 -28.37 -0.29
C VAL A 301 4.71 -28.13 0.78
N ASP A 302 5.08 -29.19 1.50
CA ASP A 302 6.00 -29.06 2.65
C ASP A 302 7.34 -28.55 2.16
N SER A 303 8.11 -27.86 3.00
CA SER A 303 9.31 -27.11 2.52
C SER A 303 10.24 -26.67 3.62
N GLU A 304 11.49 -26.43 3.24
CA GLU A 304 12.50 -25.93 4.17
C GLU A 304 12.74 -24.47 3.84
N LEU A 305 12.95 -23.66 4.86
CA LEU A 305 13.14 -22.24 4.67
C LEU A 305 13.94 -21.63 5.81
N GLU A 306 15.19 -21.28 5.54
CA GLU A 306 16.10 -20.67 6.52
C GLU A 306 16.31 -21.48 7.82
N GLY A 307 16.00 -22.78 7.77
CA GLY A 307 15.94 -23.61 8.96
C GLY A 307 14.56 -24.20 9.08
N GLN A 308 13.58 -23.33 9.21
CA GLN A 308 12.22 -23.76 9.54
C GLN A 308 11.46 -24.67 8.51
N GLN A 309 10.50 -25.39 9.06
CA GLN A 309 9.88 -26.55 8.43
C GLN A 309 8.44 -26.24 8.12
N ILE A 310 8.19 -25.78 6.89
CA ILE A 310 6.86 -25.26 6.51
C ILE A 310 6.04 -26.41 5.95
N LYS A 311 4.78 -26.46 6.36
CA LYS A 311 3.96 -27.58 6.07
C LYS A 311 2.84 -27.10 5.18
N ALA A 312 2.57 -27.86 4.12
CA ALA A 312 1.43 -27.63 3.23
C ALA A 312 0.17 -27.30 4.03
N GLY A 313 -0.30 -26.07 3.92
CA GLY A 313 -1.41 -25.56 4.73
C GLY A 313 -0.97 -24.29 5.43
N ASP A 314 0.25 -24.29 5.95
CA ASP A 314 0.72 -23.16 6.75
C ASP A 314 0.64 -21.84 5.98
N LYS A 315 0.56 -20.78 6.78
CA LYS A 315 0.24 -19.43 6.37
C LYS A 315 1.47 -18.56 6.63
N LEU A 316 2.00 -17.94 5.58
CA LEU A 316 3.20 -17.11 5.73
C LEU A 316 2.89 -15.61 5.78
N ALA A 317 3.87 -14.85 6.19
CA ALA A 317 3.60 -13.49 6.57
C ALA A 317 4.88 -12.72 6.46
N LEU A 318 4.94 -11.91 5.39
CA LEU A 318 6.16 -11.22 5.01
C LEU A 318 6.14 -9.78 5.55
N TRP A 319 6.87 -9.54 6.62
CA TRP A 319 6.85 -8.24 7.30
C TRP A 319 7.89 -7.32 6.67
N TYR A 320 7.51 -6.72 5.53
CA TYR A 320 8.33 -5.72 4.84
C TYR A 320 8.74 -4.64 5.84
N ILE A 321 7.77 -4.23 6.66
CA ILE A 321 7.94 -3.29 7.76
C ILE A 321 9.24 -3.52 8.52
N SER A 322 9.56 -4.80 8.79
CA SER A 322 10.83 -5.22 9.45
C SER A 322 11.94 -5.39 8.45
N ALA A 323 11.59 -5.90 7.28
CA ALA A 323 12.54 -6.07 6.23
C ALA A 323 13.26 -4.77 5.95
N ASN A 324 12.50 -3.72 5.67
CA ASN A 324 13.09 -2.46 5.25
C ASN A 324 13.94 -1.87 6.34
N ARG A 325 13.80 -2.38 7.56
CA ARG A 325 14.77 -2.07 8.60
C ARG A 325 15.75 -3.23 8.96
N ASP A 326 16.00 -4.12 8.01
CA ASP A 326 17.01 -5.19 8.18
C ASP A 326 18.39 -4.53 8.07
N GLU A 327 19.17 -4.59 9.15
CA GLU A 327 20.47 -3.91 9.21
C GLU A 327 21.55 -4.61 8.34
N SER A 328 21.25 -5.81 7.86
CA SER A 328 22.11 -6.52 6.92
C SER A 328 22.22 -5.73 5.63
N VAL A 329 21.09 -5.14 5.19
CA VAL A 329 21.03 -4.40 3.92
C VAL A 329 21.19 -2.88 4.11
N PHE A 330 20.31 -2.27 4.89
CA PHE A 330 20.35 -0.82 5.15
C PHE A 330 20.84 -0.62 6.57
N GLU A 331 22.06 -0.13 6.75
CA GLU A 331 22.55 0.18 8.09
C GLU A 331 21.92 1.49 8.58
N ASN A 332 21.61 1.54 9.88
CA ASN A 332 20.86 2.68 10.48
C ASN A 332 19.53 2.90 9.78
N ALA A 333 18.80 1.80 9.55
CA ALA A 333 17.62 1.82 8.69
C ALA A 333 16.50 2.65 9.31
N ASP A 334 16.43 2.61 10.63
CA ASP A 334 15.51 3.46 11.39
C ASP A 334 15.90 4.95 11.40
N ARG A 335 16.82 5.39 10.53
CA ARG A 335 17.02 6.82 10.20
C ARG A 335 16.68 7.04 8.75
N ILE A 336 15.89 8.05 8.45
CA ILE A 336 15.83 8.58 7.07
C ILE A 336 17.22 9.24 6.71
N ILE A 337 17.80 8.75 5.60
CA ILE A 337 19.06 9.24 5.04
C ILE A 337 18.76 9.49 3.54
N VAL A 338 18.45 10.72 3.14
CA VAL A 338 17.94 10.94 1.75
C VAL A 338 18.93 10.64 0.63
N ASP A 339 20.22 10.71 0.96
CA ASP A 339 21.32 10.33 0.05
C ASP A 339 21.63 8.81 0.06
N ARG A 340 20.95 8.04 0.92
CA ARG A 340 21.20 6.58 1.08
C ARG A 340 21.15 5.90 -0.28
N PRO A 341 22.29 5.39 -0.76
CA PRO A 341 22.35 4.87 -2.15
C PRO A 341 21.28 3.80 -2.44
N ASN A 342 21.34 2.70 -1.70
CA ASN A 342 20.52 1.50 -1.93
C ASN A 342 19.03 1.64 -1.59
N ALA A 343 18.62 2.80 -1.09
CA ALA A 343 17.22 3.09 -0.81
C ALA A 343 16.26 2.59 -1.88
N ARG A 344 16.71 2.52 -3.13
CA ARG A 344 15.85 1.96 -4.18
C ARG A 344 15.54 0.46 -4.03
N ARG A 345 16.27 -0.25 -3.17
CA ARG A 345 16.15 -1.72 -3.08
C ARG A 345 15.22 -2.21 -1.96
N HIS A 346 14.50 -1.30 -1.33
CA HIS A 346 13.43 -1.65 -0.40
C HIS A 346 12.38 -2.66 -0.92
N LEU A 347 11.63 -3.25 0.02
CA LEU A 347 10.57 -4.20 -0.32
C LEU A 347 9.17 -3.66 -0.14
N ALA A 348 9.02 -2.39 0.14
CA ALA A 348 7.67 -1.76 0.24
C ALA A 348 6.76 -1.99 -0.97
N PHE A 349 7.29 -1.89 -2.21
CA PHE A 349 6.52 -2.30 -3.39
C PHE A 349 6.53 -3.81 -3.60
N GLY A 350 7.41 -4.52 -2.90
CA GLY A 350 7.35 -5.97 -2.83
C GLY A 350 8.49 -6.59 -3.62
N HIS A 351 8.23 -7.78 -4.15
CA HIS A 351 9.22 -8.49 -4.95
C HIS A 351 8.64 -9.59 -5.87
N GLY A 352 9.42 -9.94 -6.89
CA GLY A 352 9.10 -11.08 -7.71
C GLY A 352 7.96 -10.72 -8.62
N ILE A 353 7.15 -11.68 -8.98
CA ILE A 353 6.18 -11.41 -10.01
C ILE A 353 4.98 -10.61 -9.55
N HIS A 354 4.90 -10.22 -8.27
CA HIS A 354 3.75 -9.43 -7.81
C HIS A 354 4.10 -7.94 -7.54
N ARG A 355 5.35 -7.53 -7.80
CA ARG A 355 5.83 -6.20 -7.37
C ARG A 355 5.00 -5.11 -7.99
N CYS A 356 4.77 -4.08 -7.20
CA CYS A 356 3.63 -3.21 -7.40
C CYS A 356 3.60 -2.67 -8.79
N VAL A 357 2.62 -3.09 -9.59
CA VAL A 357 2.44 -2.57 -10.98
C VAL A 357 2.26 -1.02 -11.07
N GLY A 358 1.77 -0.40 -10.00
CA GLY A 358 1.63 1.03 -9.94
C GLY A 358 2.83 1.77 -9.37
N ALA A 359 3.97 1.10 -9.23
CA ALA A 359 5.03 1.72 -8.47
C ALA A 359 5.49 3.00 -9.12
N ARG A 360 5.53 3.06 -10.45
CA ARG A 360 6.01 4.27 -11.17
C ARG A 360 5.08 5.48 -11.02
N LEU A 361 3.79 5.22 -10.80
CA LEU A 361 2.83 6.29 -10.62
C LEU A 361 2.93 6.89 -9.24
N ALA A 362 3.08 6.06 -8.21
CA ALA A 362 3.28 6.52 -6.84
C ALA A 362 4.60 7.28 -6.70
N GLU A 363 5.66 6.77 -7.33
CA GLU A 363 6.92 7.51 -7.46
C GLU A 363 6.71 8.93 -8.05
N LEU A 364 5.87 9.05 -9.07
CA LEU A 364 5.54 10.36 -9.68
C LEU A 364 4.74 11.27 -8.72
N GLN A 365 3.55 10.84 -8.31
CA GLN A 365 2.76 11.60 -7.34
C GLN A 365 3.67 12.20 -6.24
N ILE A 366 4.60 11.41 -5.67
CA ILE A 366 5.42 11.89 -4.53
C ILE A 366 6.45 12.90 -4.98
N ALA A 367 7.13 12.58 -6.06
CA ALA A 367 8.15 13.44 -6.68
C ALA A 367 7.62 14.87 -6.85
N VAL A 368 6.49 14.94 -7.52
CA VAL A 368 5.87 16.19 -7.88
C VAL A 368 5.50 16.96 -6.63
N LEU A 369 5.06 16.26 -5.58
CA LEU A 369 4.81 16.90 -4.29
C LEU A 369 6.11 17.57 -3.82
N LEU A 370 7.18 16.79 -3.69
CA LEU A 370 8.48 17.31 -3.25
C LEU A 370 9.11 18.35 -4.19
N GLU A 371 8.73 18.29 -5.48
CA GLU A 371 9.10 19.31 -6.46
C GLU A 371 8.29 20.58 -6.22
N GLU A 372 6.97 20.47 -6.25
CA GLU A 372 6.14 21.61 -6.07
C GLU A 372 6.35 22.23 -4.71
N MET A 373 6.64 21.41 -3.71
CA MET A 373 7.07 21.91 -2.40
C MET A 373 8.37 22.76 -2.48
N ALA A 374 9.42 22.24 -3.11
CA ALA A 374 10.67 23.02 -3.24
C ALA A 374 10.48 24.35 -3.94
N LYS A 375 9.86 24.34 -5.11
CA LYS A 375 9.39 25.54 -5.80
C LYS A 375 8.90 26.62 -4.85
N ARG A 376 8.24 26.20 -3.77
CA ARG A 376 7.57 27.11 -2.86
C ARG A 376 8.33 27.41 -1.58
N ARG A 377 9.37 26.63 -1.31
CA ARG A 377 10.13 26.75 -0.07
C ARG A 377 9.15 26.51 1.08
N MET A 378 8.68 25.26 1.19
CA MET A 378 7.65 24.90 2.18
C MET A 378 8.17 24.48 3.57
N ARG A 379 8.65 23.25 3.70
CA ARG A 379 8.88 22.67 5.05
C ARG A 379 7.57 22.51 5.88
N VAL A 380 7.18 21.26 6.12
CA VAL A 380 5.97 20.95 6.86
C VAL A 380 6.41 20.64 8.27
N ASN A 381 5.80 21.31 9.26
CA ASN A 381 6.21 21.21 10.67
C ASN A 381 5.11 20.56 11.46
N VAL A 382 5.37 19.33 11.93
CA VAL A 382 4.34 18.51 12.58
C VAL A 382 4.20 18.95 14.03
N LEU A 383 2.97 19.01 14.51
CA LEU A 383 2.68 19.71 15.78
C LEU A 383 2.41 18.69 16.88
N GLY A 384 1.19 18.21 17.05
CA GLY A 384 0.99 16.99 17.82
C GLY A 384 1.59 15.75 17.12
N GLU A 385 1.54 14.61 17.81
CA GLU A 385 1.75 13.29 17.19
C GLU A 385 0.53 12.79 16.42
N PRO A 386 0.77 11.94 15.42
CA PRO A 386 -0.33 11.56 14.54
C PRO A 386 -1.19 10.40 15.04
N GLU A 387 -2.47 10.47 14.69
CA GLU A 387 -3.39 9.38 14.91
C GLU A 387 -2.98 8.36 13.85
N ARG A 388 -2.39 7.26 14.31
CA ARG A 388 -1.98 6.14 13.45
C ARG A 388 -3.12 5.17 13.22
N VAL A 389 -2.96 4.31 12.23
CA VAL A 389 -3.93 3.26 11.98
C VAL A 389 -3.56 2.07 12.88
N ALA A 390 -4.57 1.30 13.26
CA ALA A 390 -4.41 0.13 14.14
C ALA A 390 -4.66 -1.17 13.34
N ALA A 391 -3.58 -1.78 12.85
CA ALA A 391 -3.64 -2.84 11.84
C ALA A 391 -2.26 -3.35 11.53
N CYS A 392 -2.18 -4.64 11.20
CA CYS A 392 -0.94 -5.24 10.74
C CYS A 392 -0.76 -4.99 9.25
N PHE A 393 -1.86 -4.80 8.51
CA PHE A 393 -1.81 -4.62 7.03
C PHE A 393 -1.47 -3.21 6.53
N VAL A 394 -2.38 -2.26 6.73
CA VAL A 394 -2.16 -0.87 6.28
C VAL A 394 -1.25 -0.18 7.30
N HIS A 395 -0.48 0.81 6.90
CA HIS A 395 0.46 1.39 7.84
C HIS A 395 0.78 2.85 7.59
N GLY A 396 0.14 3.72 8.39
CA GLY A 396 0.39 5.14 8.35
C GLY A 396 -0.41 5.94 9.35
N TYR A 397 -1.27 6.81 8.83
CA TYR A 397 -1.77 7.92 9.60
C TYR A 397 -3.18 8.30 9.15
N ARG A 398 -4.05 8.51 10.14
CA ARG A 398 -5.39 9.03 9.93
C ARG A 398 -5.43 10.55 10.15
N LYS A 399 -4.55 11.05 11.02
CA LYS A 399 -4.42 12.49 11.23
C LYS A 399 -2.95 12.89 11.43
N LEU A 400 -2.55 13.99 10.80
CA LEU A 400 -1.26 14.59 11.05
C LEU A 400 -1.44 16.11 11.19
N PRO A 401 -1.10 16.67 12.36
CA PRO A 401 -1.31 18.09 12.63
C PRO A 401 -0.07 18.92 12.33
N VAL A 402 -0.17 19.84 11.37
CA VAL A 402 1.01 20.58 10.94
C VAL A 402 0.68 22.00 10.57
N GLU A 403 1.74 22.77 10.39
CA GLU A 403 1.70 24.10 9.77
C GLU A 403 2.88 24.10 8.83
N ILE A 404 3.02 25.12 8.00
CA ILE A 404 4.17 25.24 7.08
C ILE A 404 4.98 26.54 7.29
N SER A 405 6.29 26.55 6.98
CA SER A 405 7.13 27.76 7.21
C SER A 405 7.86 28.20 5.93
N ARG A 406 9.09 28.74 6.00
CA ARG A 406 9.92 29.00 4.79
C ARG A 406 11.47 28.86 4.93
CHA HEM B . 0.63 -4.80 -5.44
CHB HEM B . 2.59 -1.62 -2.46
CHC HEM B . 1.02 1.96 -5.29
CHD HEM B . -1.61 -1.23 -7.72
C1A HEM B . 1.33 -4.23 -4.43
C2A HEM B . 2.05 -4.94 -3.46
C3A HEM B . 2.60 -4.02 -2.62
C4A HEM B . 2.20 -2.77 -3.06
CMA HEM B . 3.48 -4.32 -1.42
CAA HEM B . 2.28 -6.43 -3.37
CBA HEM B . 3.75 -6.61 -3.83
CGA HEM B . 4.24 -8.02 -3.94
O1A HEM B . 5.38 -8.16 -4.41
O2A HEM B . 3.56 -9.00 -3.58
C1B HEM B . 2.37 -0.35 -3.00
C2B HEM B . 2.94 0.83 -2.45
C3B HEM B . 2.50 1.85 -3.23
C4B HEM B . 1.67 1.25 -4.29
CMB HEM B . 3.82 0.93 -1.23
CAB HEM B . 2.82 3.28 -3.14
CBB HEM B . 3.69 3.85 -2.33
C1C HEM B . 0.12 1.43 -6.23
C2C HEM B . -0.58 2.15 -7.24
C3C HEM B . -1.35 1.20 -7.95
C4C HEM B . -1.09 -0.06 -7.33
CMC HEM B . -0.46 3.65 -7.46
CAC HEM B . -2.28 1.32 -9.08
CBC HEM B . -2.59 2.46 -9.66
C1D HEM B . -1.14 -2.43 -7.26
C2D HEM B . -1.62 -3.64 -7.89
C3D HEM B . -1.01 -4.65 -7.28
C4D HEM B . -0.13 -4.02 -6.28
CMD HEM B . -2.61 -3.73 -9.03
CAD HEM B . -1.15 -6.12 -7.61
CBD HEM B . -0.15 -6.51 -8.72
CGD HEM B . -0.02 -8.01 -8.87
O1D HEM B . 1.06 -8.57 -8.61
O2D HEM B . -0.97 -8.70 -9.28
NA HEM B . 1.41 -2.91 -4.16
NB HEM B . 1.63 -0.05 -4.06
NC HEM B . -0.22 0.11 -6.32
ND HEM B . -0.28 -2.69 -6.29
FE HEM B . 0.63 -1.45 -5.23
C1 D12 C . -1.47 -2.67 -3.28
C2 D12 C . -2.79 -2.66 -2.57
C3 D12 C . -2.96 -3.92 -1.73
C4 D12 C . -4.21 -4.72 -2.11
C5 D12 C . -4.90 -5.33 -0.89
C6 D12 C . -6.35 -5.73 -1.16
C7 D12 C . -7.32 -5.16 -0.14
C8 D12 C . -7.17 -5.85 1.21
C9 D12 C . -7.91 -7.18 1.21
C10 D12 C . -7.51 -8.03 2.40
C11 D12 C . -8.49 -7.84 3.54
C12 D12 C . -9.78 -8.64 3.40
#